data_4DAB
#
_entry.id   4DAB
#
_cell.length_a   135.394
_cell.length_b   135.394
_cell.length_c   58.006
_cell.angle_alpha   90.000
_cell.angle_beta   90.000
_cell.angle_gamma   120.000
#
_symmetry.space_group_name_H-M   'P 63 2 2'
#
loop_
_entity.id
_entity.type
_entity.pdbx_description
1 polymer 'Purine nucleoside phosphorylase deoD-type'
2 non-polymer HYPOXANTHINE
3 non-polymer 'CHLORIDE ION'
4 non-polymer 'ACETATE ION'
5 non-polymer GLYCEROL
6 water water
#
_entity_poly.entity_id   1
_entity_poly.type   'polypeptide(L)'
_entity_poly.pdbx_seq_one_letter_code
;MGSSHHHHHHSSGLVPRGSHMSVHIGAEKGQIADTVLLPGDPLRAKFIAETYLENVECYNEVRGMYGFTGTYKGKKISVQ
GTGMGVPSISIYVNELIQSYDVQNLIRVGSCGAIRKDVKVRDVILAMTSSTDSQMNRVAFGSVDFAPCADFELLKNAYDA
AKDKGVPVTVGSVFTADQFYNDDSQIEKLAKYGVLGVEMETTALYTLAAKHGRKALSILTVSDHVLTGEETTAEERQTTF
HDMIDVALHSVSQ
;
_entity_poly.pdbx_strand_id   A
#
loop_
_chem_comp.id
_chem_comp.type
_chem_comp.name
_chem_comp.formula
ACT non-polymer 'ACETATE ION' 'C2 H3 O2 -1'
CL non-polymer 'CHLORIDE ION' 'Cl -1'
GOL non-polymer GLYCEROL 'C3 H8 O3'
HPA non-polymer HYPOXANTHINE 'C5 H4 N4 O'
#
# COMPACT_ATOMS: atom_id res chain seq x y z
N SER A 22 7.39 -16.41 12.57
CA SER A 22 8.46 -15.68 11.81
C SER A 22 9.39 -14.83 12.71
N VAL A 23 10.53 -14.43 12.17
CA VAL A 23 11.54 -13.69 12.91
C VAL A 23 11.01 -12.36 13.46
N HIS A 24 10.19 -11.64 12.69
CA HIS A 24 9.85 -10.26 13.05
C HIS A 24 8.41 -10.10 13.47
N ILE A 25 7.59 -11.13 13.32
CA ILE A 25 6.17 -11.05 13.66
C ILE A 25 5.83 -12.10 14.76
N GLY A 26 5.33 -11.63 15.91
CA GLY A 26 5.10 -12.53 17.07
C GLY A 26 3.75 -13.24 17.12
N ALA A 27 3.15 -13.53 15.96
CA ALA A 27 1.79 -14.11 15.93
C ALA A 27 1.82 -15.65 16.00
N GLU A 28 0.69 -16.25 16.37
CA GLU A 28 0.52 -17.72 16.34
C GLU A 28 -0.25 -18.08 15.08
N LYS A 29 -0.24 -19.35 14.68
CA LYS A 29 -0.93 -19.70 13.44
C LYS A 29 -2.43 -19.40 13.49
N GLY A 30 -2.96 -18.91 12.38
CA GLY A 30 -4.37 -18.56 12.33
C GLY A 30 -4.68 -17.17 12.91
N GLN A 31 -3.75 -16.58 13.65
CA GLN A 31 -4.00 -15.23 14.19
C GLN A 31 -4.06 -14.13 13.12
N ILE A 32 -3.37 -14.33 11.98
CA ILE A 32 -3.41 -13.34 10.88
C ILE A 32 -4.41 -13.77 9.81
N ALA A 33 -5.23 -12.85 9.31
CA ALA A 33 -6.26 -13.20 8.29
C ALA A 33 -5.65 -13.51 6.90
N ASP A 34 -6.47 -14.04 5.98
CA ASP A 34 -6.08 -14.23 4.57
C ASP A 34 -5.82 -12.90 3.87
N THR A 35 -6.52 -11.85 4.30
CA THR A 35 -6.40 -10.50 3.75
C THR A 35 -5.72 -9.57 4.78
N VAL A 36 -4.61 -8.94 4.40
CA VAL A 36 -3.90 -8.01 5.28
C VAL A 36 -3.77 -6.64 4.60
N LEU A 37 -4.21 -5.60 5.30
CA LEU A 37 -3.93 -4.20 4.92
C LEU A 37 -2.56 -3.78 5.43
N LEU A 38 -1.83 -3.02 4.62
CA LEU A 38 -0.43 -2.71 4.95
C LEU A 38 -0.10 -1.21 4.91
N PRO A 39 -0.41 -0.47 6.00
CA PRO A 39 0.01 0.91 6.14
C PRO A 39 1.50 0.92 6.48
N GLY A 40 2.21 1.99 6.15
CA GLY A 40 3.61 2.09 6.50
C GLY A 40 3.82 2.31 8.00
N ASP A 41 2.94 3.13 8.58
CA ASP A 41 3.05 3.58 9.97
C ASP A 41 2.29 2.65 10.90
N PRO A 42 3.01 1.99 11.84
CA PRO A 42 2.33 1.06 12.75
C PRO A 42 1.24 1.74 13.62
N LEU A 43 1.41 3.03 13.92
CA LEU A 43 0.35 3.75 14.65
C LEU A 43 -0.91 3.95 13.79
N ARG A 44 -0.74 4.04 12.47
N ARG A 44 -0.74 4.04 12.47
CA ARG A 44 -1.88 4.07 11.57
CA ARG A 44 -1.88 4.05 11.55
C ARG A 44 -2.53 2.68 11.44
C ARG A 44 -2.55 2.67 11.50
N ALA A 45 -1.75 1.61 11.62
CA ALA A 45 -2.31 0.25 11.67
C ALA A 45 -3.27 0.14 12.87
N LYS A 46 -2.84 0.69 14.00
CA LYS A 46 -3.66 0.69 15.25
C LYS A 46 -4.92 1.50 15.00
N PHE A 47 -4.74 2.69 14.43
CA PHE A 47 -5.88 3.54 14.14
C PHE A 47 -6.91 2.82 13.26
N ILE A 48 -6.46 2.20 12.17
CA ILE A 48 -7.34 1.54 11.23
C ILE A 48 -8.11 0.41 11.93
N ALA A 49 -7.39 -0.45 12.62
CA ALA A 49 -8.00 -1.63 13.24
C ALA A 49 -9.09 -1.20 14.27
N GLU A 50 -8.75 -0.28 15.15
CA GLU A 50 -9.64 0.20 16.22
CA GLU A 50 -9.67 0.12 16.22
C GLU A 50 -10.84 0.96 15.68
N THR A 51 -10.61 1.70 14.61
CA THR A 51 -11.64 2.56 14.02
C THR A 51 -12.60 1.80 13.10
N TYR A 52 -12.13 0.76 12.42
CA TYR A 52 -12.92 0.14 11.33
C TYR A 52 -13.42 -1.29 11.60
N LEU A 53 -12.77 -1.99 12.51
CA LEU A 53 -12.97 -3.42 12.71
C LEU A 53 -13.54 -3.74 14.10
N GLU A 54 -14.28 -4.83 14.17
CA GLU A 54 -14.79 -5.32 15.43
C GLU A 54 -13.86 -6.38 16.00
N ASN A 55 -13.89 -6.57 17.32
CA ASN A 55 -13.25 -7.69 18.00
C ASN A 55 -11.76 -7.85 17.69
N VAL A 56 -11.04 -6.74 17.87
CA VAL A 56 -9.64 -6.60 17.47
C VAL A 56 -8.74 -7.20 18.54
N GLU A 57 -7.74 -7.95 18.09
CA GLU A 57 -6.62 -8.45 18.89
C GLU A 57 -5.32 -7.96 18.24
N CYS A 58 -4.35 -7.58 19.05
CA CYS A 58 -3.03 -7.25 18.56
C CYS A 58 -2.22 -8.52 18.60
N TYR A 59 -1.81 -9.01 17.43
CA TYR A 59 -1.04 -10.24 17.37
C TYR A 59 0.49 -10.01 17.33
N ASN A 60 0.93 -8.76 17.20
CA ASN A 60 2.36 -8.47 17.11
C ASN A 60 2.76 -7.14 17.72
N GLU A 61 3.77 -7.19 18.58
CA GLU A 61 4.32 -5.99 19.17
C GLU A 61 5.81 -5.87 18.95
N VAL A 62 6.43 -6.89 18.34
CA VAL A 62 7.86 -6.90 18.03
C VAL A 62 8.26 -5.60 17.30
N ARG A 63 9.30 -4.94 17.81
CA ARG A 63 9.83 -3.68 17.28
CA ARG A 63 9.81 -3.69 17.23
C ARG A 63 8.78 -2.56 17.27
N GLY A 64 7.65 -2.80 17.93
CA GLY A 64 6.56 -1.84 17.93
C GLY A 64 5.93 -1.70 16.54
N MET A 65 6.22 -2.63 15.64
CA MET A 65 5.59 -2.67 14.34
C MET A 65 4.27 -3.44 14.42
N TYR A 66 3.26 -2.78 14.99
CA TYR A 66 2.00 -3.46 15.36
C TYR A 66 1.23 -4.13 14.24
N GLY A 67 0.65 -5.28 14.55
CA GLY A 67 -0.26 -5.97 13.66
C GLY A 67 -1.50 -6.37 14.44
N PHE A 68 -2.67 -6.22 13.81
CA PHE A 68 -3.95 -6.46 14.49
C PHE A 68 -4.83 -7.31 13.59
N THR A 69 -5.76 -8.03 14.19
CA THR A 69 -6.77 -8.74 13.44
C THR A 69 -8.14 -8.49 14.10
N GLY A 70 -9.16 -8.30 13.27
CA GLY A 70 -10.54 -8.07 13.71
C GLY A 70 -11.43 -8.42 12.56
N THR A 71 -12.70 -8.02 12.61
CA THR A 71 -13.63 -8.38 11.59
C THR A 71 -14.29 -7.15 10.98
N TYR A 72 -14.62 -7.28 9.70
CA TYR A 72 -15.34 -6.27 9.00
C TYR A 72 -16.50 -6.97 8.32
N LYS A 73 -17.70 -6.59 8.72
CA LYS A 73 -18.91 -7.33 8.37
C LYS A 73 -18.78 -8.87 8.59
N GLY A 74 -18.16 -9.25 9.71
CA GLY A 74 -18.05 -10.67 10.10
C GLY A 74 -16.99 -11.44 9.32
N LYS A 75 -16.17 -10.71 8.54
CA LYS A 75 -15.03 -11.32 7.84
C LYS A 75 -13.73 -10.82 8.49
N LYS A 76 -12.85 -11.75 8.84
CA LYS A 76 -11.52 -11.47 9.40
C LYS A 76 -10.67 -10.66 8.41
N ILE A 77 -10.04 -9.59 8.93
CA ILE A 77 -9.16 -8.68 8.17
C ILE A 77 -8.02 -8.40 9.15
N SER A 78 -6.77 -8.45 8.67
CA SER A 78 -5.65 -8.00 9.46
C SER A 78 -5.04 -6.68 8.97
N VAL A 79 -4.32 -5.99 9.83
CA VAL A 79 -3.72 -4.72 9.51
C VAL A 79 -2.33 -4.73 10.14
N GLN A 80 -1.30 -4.63 9.29
CA GLN A 80 0.12 -4.81 9.69
C GLN A 80 0.97 -3.62 9.24
N GLY A 81 1.63 -2.91 10.17
CA GLY A 81 2.52 -1.82 9.76
C GLY A 81 3.73 -2.41 9.01
N THR A 82 4.32 -1.66 8.08
CA THR A 82 5.43 -2.21 7.28
C THR A 82 6.75 -1.48 7.51
N GLY A 83 6.68 -0.28 8.09
CA GLY A 83 7.83 0.61 8.09
C GLY A 83 8.03 1.21 6.70
N MET A 84 9.10 1.99 6.56
CA MET A 84 9.37 2.78 5.35
C MET A 84 10.51 2.16 4.56
N GLY A 85 10.31 2.00 3.27
CA GLY A 85 11.41 1.55 2.42
C GLY A 85 11.22 0.13 2.01
N VAL A 86 11.65 -0.16 0.78
CA VAL A 86 11.72 -1.52 0.27
C VAL A 86 12.19 -2.59 1.26
N PRO A 87 13.34 -2.37 1.91
CA PRO A 87 13.89 -3.41 2.80
C PRO A 87 12.96 -3.74 3.98
N SER A 88 12.29 -2.72 4.52
CA SER A 88 11.43 -2.93 5.72
C SER A 88 10.14 -3.63 5.29
N ILE A 89 9.44 -3.14 4.27
CA ILE A 89 8.22 -3.87 3.83
C ILE A 89 8.57 -5.28 3.37
N SER A 90 9.73 -5.44 2.71
CA SER A 90 10.12 -6.78 2.23
C SER A 90 10.15 -7.82 3.37
N ILE A 91 10.69 -7.43 4.50
CA ILE A 91 10.65 -8.28 5.71
C ILE A 91 9.22 -8.74 6.06
N TYR A 92 8.30 -7.78 6.24
CA TYR A 92 6.92 -8.11 6.63
C TYR A 92 6.14 -8.88 5.60
N VAL A 93 6.25 -8.47 4.34
CA VAL A 93 5.60 -9.20 3.29
C VAL A 93 6.09 -10.64 3.14
N ASN A 94 7.41 -10.83 3.10
CA ASN A 94 7.96 -12.19 3.06
C ASN A 94 7.45 -13.08 4.22
N GLU A 95 7.39 -12.54 5.44
CA GLU A 95 7.00 -13.34 6.62
C GLU A 95 5.48 -13.65 6.60
N LEU A 96 4.69 -12.65 6.17
CA LEU A 96 3.24 -12.81 6.07
C LEU A 96 2.92 -13.91 5.10
N ILE A 97 3.59 -13.90 3.94
CA ILE A 97 3.33 -14.89 2.89
C ILE A 97 3.80 -16.29 3.30
N GLN A 98 5.05 -16.36 3.73
CA GLN A 98 5.73 -17.64 3.95
C GLN A 98 5.35 -18.32 5.27
N SER A 99 5.20 -17.54 6.35
CA SER A 99 4.82 -18.11 7.66
C SER A 99 3.34 -18.11 7.95
N TYR A 100 2.59 -17.16 7.39
CA TYR A 100 1.18 -17.02 7.71
C TYR A 100 0.22 -17.28 6.56
N ASP A 101 0.78 -17.64 5.40
CA ASP A 101 -0.02 -18.07 4.23
C ASP A 101 -1.04 -17.02 3.79
N VAL A 102 -0.70 -15.75 4.01
CA VAL A 102 -1.53 -14.62 3.62
C VAL A 102 -1.79 -14.61 2.09
N GLN A 103 -3.02 -14.36 1.70
CA GLN A 103 -3.38 -14.45 0.28
C GLN A 103 -3.49 -13.10 -0.42
N ASN A 104 -4.00 -12.09 0.28
CA ASN A 104 -4.27 -10.77 -0.30
C ASN A 104 -3.57 -9.71 0.52
N LEU A 105 -2.77 -8.88 -0.14
CA LEU A 105 -1.90 -7.93 0.58
C LEU A 105 -2.16 -6.54 -0.01
N ILE A 106 -2.75 -5.65 0.79
CA ILE A 106 -3.18 -4.34 0.28
C ILE A 106 -2.50 -3.22 1.04
N ARG A 107 -1.53 -2.60 0.37
CA ARG A 107 -0.89 -1.46 0.98
C ARG A 107 -1.95 -0.35 0.95
N VAL A 108 -2.06 0.36 2.07
CA VAL A 108 -2.90 1.55 2.18
C VAL A 108 -2.00 2.66 2.73
N GLY A 109 -1.60 3.57 1.86
CA GLY A 109 -0.59 4.53 2.28
C GLY A 109 -0.71 5.85 1.58
N SER A 110 0.32 6.67 1.69
CA SER A 110 0.29 7.93 0.94
C SER A 110 1.48 8.07 0.02
N CYS A 111 1.42 9.08 -0.84
CA CYS A 111 2.50 9.37 -1.77
C CYS A 111 2.57 10.88 -2.02
N GLY A 112 3.68 11.35 -2.56
CA GLY A 112 3.80 12.77 -2.92
C GLY A 112 3.44 12.79 -4.37
N ALA A 113 2.44 13.58 -4.77
CA ALA A 113 2.10 13.65 -6.18
C ALA A 113 3.18 14.38 -6.93
N ILE A 114 3.47 13.93 -8.14
CA ILE A 114 4.51 14.59 -8.97
C ILE A 114 3.95 15.20 -10.27
N ARG A 115 2.64 15.16 -10.42
CA ARG A 115 1.99 15.86 -11.55
C ARG A 115 0.87 16.79 -11.06
N LYS A 116 0.66 17.91 -11.76
CA LYS A 116 -0.47 18.80 -11.46
C LYS A 116 -1.86 18.13 -11.62
N ASP A 117 -1.98 17.23 -12.60
CA ASP A 117 -3.29 16.60 -12.83
C ASP A 117 -3.64 15.56 -11.78
N VAL A 118 -2.70 15.27 -10.89
CA VAL A 118 -3.01 14.39 -9.81
C VAL A 118 -3.53 15.26 -8.67
N LYS A 119 -4.82 15.16 -8.41
CA LYS A 119 -5.47 16.08 -7.48
C LYS A 119 -5.37 15.57 -6.04
N VAL A 120 -5.45 16.47 -5.08
CA VAL A 120 -5.30 16.11 -3.68
C VAL A 120 -6.36 15.17 -3.16
N ARG A 121 -7.53 15.13 -3.81
CA ARG A 121 -8.59 14.25 -3.40
C ARG A 121 -8.57 12.92 -4.10
N ASP A 122 -7.67 12.75 -5.06
CA ASP A 122 -7.65 11.53 -5.86
C ASP A 122 -7.13 10.38 -5.03
N VAL A 123 -7.79 9.24 -5.12
CA VAL A 123 -7.27 8.01 -4.54
C VAL A 123 -6.58 7.27 -5.70
N ILE A 124 -5.32 6.88 -5.48
CA ILE A 124 -4.51 6.29 -6.55
C ILE A 124 -4.52 4.78 -6.41
N LEU A 125 -4.76 4.06 -7.51
CA LEU A 125 -4.59 2.62 -7.53
C LEU A 125 -3.41 2.37 -8.47
N ALA A 126 -2.34 1.82 -7.92
CA ALA A 126 -1.12 1.58 -8.70
C ALA A 126 -1.16 0.29 -9.54
N MET A 127 -1.09 0.44 -10.88
CA MET A 127 -1.02 -0.74 -11.76
CA MET A 127 -1.02 -0.73 -11.75
C MET A 127 0.38 -1.33 -11.69
N THR A 128 1.37 -0.46 -11.55
CA THR A 128 2.75 -0.87 -11.50
C THR A 128 3.56 0.23 -10.78
N SER A 129 4.85 -0.01 -10.62
CA SER A 129 5.74 1.00 -10.05
C SER A 129 7.14 0.88 -10.64
N SER A 130 7.73 2.04 -10.87
CA SER A 130 9.15 2.21 -11.22
C SER A 130 9.94 2.27 -9.91
N THR A 131 11.27 2.21 -9.98
CA THR A 131 12.00 2.26 -8.73
C THR A 131 13.48 2.63 -8.95
N ASP A 132 14.12 3.22 -7.94
CA ASP A 132 15.60 3.22 -7.93
C ASP A 132 16.17 2.21 -6.95
N SER A 133 15.34 1.35 -6.39
CA SER A 133 15.86 0.20 -5.59
C SER A 133 16.58 -0.78 -6.54
N GLN A 134 17.65 -1.42 -6.04
CA GLN A 134 18.35 -2.37 -6.86
C GLN A 134 17.77 -3.75 -6.68
N MET A 135 16.68 -3.89 -5.93
CA MET A 135 16.21 -5.24 -5.63
C MET A 135 15.93 -6.14 -6.82
N ASN A 136 15.37 -5.59 -7.89
CA ASN A 136 15.14 -6.42 -9.08
C ASN A 136 16.38 -6.61 -9.98
N ARG A 137 17.24 -5.60 -10.08
CA ARG A 137 18.51 -5.82 -10.84
C ARG A 137 19.39 -6.85 -10.13
N VAL A 138 19.31 -6.89 -8.79
CA VAL A 138 19.95 -8.01 -8.02
C VAL A 138 19.49 -9.39 -8.50
N ALA A 139 18.19 -9.57 -8.74
CA ALA A 139 17.62 -10.81 -9.23
C ALA A 139 17.76 -11.02 -10.73
N PHE A 140 17.57 -9.96 -11.52
CA PHE A 140 17.43 -10.09 -12.99
C PHE A 140 18.58 -9.50 -13.83
N GLY A 141 19.49 -8.76 -13.22
CA GLY A 141 20.64 -8.19 -13.98
C GLY A 141 20.20 -7.18 -15.04
N SER A 142 20.36 -7.56 -16.31
CA SER A 142 20.07 -6.68 -17.44
CA SER A 142 20.07 -6.68 -17.44
C SER A 142 18.56 -6.53 -17.74
N VAL A 143 17.72 -7.25 -17.02
CA VAL A 143 16.27 -7.11 -17.23
C VAL A 143 15.68 -6.01 -16.36
N ASP A 144 14.83 -5.17 -16.94
CA ASP A 144 13.99 -4.25 -16.17
C ASP A 144 12.76 -5.06 -15.82
N PHE A 145 12.58 -5.40 -14.54
CA PHE A 145 11.39 -6.08 -14.12
C PHE A 145 10.29 -5.05 -13.76
N ALA A 146 9.14 -5.17 -14.42
CA ALA A 146 8.01 -4.27 -14.18
C ALA A 146 7.01 -5.02 -13.25
N PRO A 147 6.92 -4.62 -11.97
CA PRO A 147 6.00 -5.29 -11.06
C PRO A 147 4.56 -5.05 -11.52
N CYS A 148 3.63 -5.87 -11.07
CA CYS A 148 2.29 -5.76 -11.61
C CYS A 148 1.26 -6.01 -10.49
N ALA A 149 0.32 -5.10 -10.33
CA ALA A 149 -0.78 -5.28 -9.31
C ALA A 149 -1.63 -6.47 -9.73
N ASP A 150 -2.28 -7.11 -8.75
CA ASP A 150 -3.26 -8.13 -9.11
C ASP A 150 -4.50 -7.45 -9.71
N PHE A 151 -4.86 -7.78 -10.94
CA PHE A 151 -5.94 -7.04 -11.60
C PHE A 151 -7.29 -7.24 -10.91
N GLU A 152 -7.56 -8.44 -10.42
CA GLU A 152 -8.80 -8.71 -9.69
C GLU A 152 -8.93 -7.76 -8.47
N LEU A 153 -7.89 -7.64 -7.63
CA LEU A 153 -7.91 -6.66 -6.53
C LEU A 153 -8.09 -5.25 -7.02
N LEU A 154 -7.39 -4.86 -8.11
CA LEU A 154 -7.43 -3.48 -8.60
C LEU A 154 -8.83 -3.13 -9.10
N LYS A 155 -9.39 -4.03 -9.89
CA LYS A 155 -10.73 -3.82 -10.47
C LYS A 155 -11.79 -3.72 -9.36
N ASN A 156 -11.68 -4.57 -8.32
CA ASN A 156 -12.66 -4.48 -7.21
C ASN A 156 -12.56 -3.13 -6.52
N ALA A 157 -11.32 -2.67 -6.32
CA ALA A 157 -11.11 -1.40 -5.66
C ALA A 157 -11.66 -0.27 -6.54
N TYR A 158 -11.41 -0.38 -7.85
CA TYR A 158 -11.85 0.61 -8.81
C TYR A 158 -13.39 0.70 -8.78
N ASP A 159 -14.05 -0.46 -8.93
CA ASP A 159 -15.53 -0.58 -8.86
C ASP A 159 -16.09 0.05 -7.57
N ALA A 160 -15.46 -0.29 -6.43
CA ALA A 160 -15.85 0.24 -5.12
C ALA A 160 -15.82 1.77 -5.07
N ALA A 161 -14.76 2.38 -5.61
CA ALA A 161 -14.65 3.85 -5.67
C ALA A 161 -15.71 4.41 -6.56
N LYS A 162 -15.81 3.87 -7.77
CA LYS A 162 -16.79 4.33 -8.77
C LYS A 162 -18.24 4.26 -8.22
N ASP A 163 -18.55 3.18 -7.52
CA ASP A 163 -19.87 2.97 -6.94
CA ASP A 163 -19.87 2.97 -6.94
C ASP A 163 -20.30 4.10 -6.00
N LYS A 164 -19.35 4.63 -5.20
CA LYS A 164 -19.62 5.69 -4.24
CA LYS A 164 -19.58 5.69 -4.22
C LYS A 164 -19.29 7.10 -4.73
N GLY A 165 -18.59 7.20 -5.86
CA GLY A 165 -18.19 8.48 -6.45
C GLY A 165 -16.88 9.00 -5.90
N VAL A 166 -16.09 8.13 -5.26
CA VAL A 166 -14.73 8.48 -4.77
C VAL A 166 -13.86 8.74 -5.98
N PRO A 167 -13.23 9.91 -6.07
CA PRO A 167 -12.36 10.18 -7.24
C PRO A 167 -11.17 9.21 -7.16
N VAL A 168 -10.88 8.60 -8.28
CA VAL A 168 -9.90 7.52 -8.35
C VAL A 168 -9.13 7.68 -9.65
N THR A 169 -7.81 7.43 -9.59
CA THR A 169 -6.91 7.56 -10.73
C THR A 169 -6.09 6.28 -10.73
N VAL A 170 -5.98 5.65 -11.88
CA VAL A 170 -5.25 4.39 -12.02
C VAL A 170 -4.02 4.65 -12.91
N GLY A 171 -2.83 4.32 -12.42
CA GLY A 171 -1.63 4.53 -13.24
C GLY A 171 -0.46 4.01 -12.44
N SER A 172 0.71 4.57 -12.67
CA SER A 172 1.89 4.05 -11.99
C SER A 172 2.47 5.02 -10.95
N VAL A 173 3.34 4.47 -10.07
CA VAL A 173 4.00 5.30 -9.08
C VAL A 173 5.51 5.00 -9.12
N PHE A 174 6.28 5.74 -8.33
CA PHE A 174 7.73 5.57 -8.22
C PHE A 174 8.03 5.11 -6.80
N THR A 175 8.76 4.00 -6.68
CA THR A 175 9.16 3.51 -5.36
C THR A 175 10.58 4.00 -5.10
N ALA A 176 10.75 4.92 -4.16
CA ALA A 176 12.05 5.57 -3.96
C ALA A 176 12.81 4.97 -2.79
N ASP A 177 14.13 4.84 -2.90
CA ASP A 177 14.96 4.50 -1.73
C ASP A 177 15.29 5.74 -0.88
N GLN A 178 15.41 6.92 -1.48
CA GLN A 178 15.86 8.09 -0.76
C GLN A 178 14.75 9.15 -0.71
N PHE A 179 14.15 9.30 0.48
CA PHE A 179 13.13 10.35 0.68
C PHE A 179 13.74 11.73 0.39
N TYR A 180 15.00 11.87 0.76
CA TYR A 180 15.78 13.07 0.45
C TYR A 180 16.81 12.66 -0.59
N ASN A 181 16.51 12.97 -1.86
CA ASN A 181 17.35 12.49 -2.93
C ASN A 181 17.90 13.66 -3.74
N ASP A 182 19.21 13.89 -3.63
CA ASP A 182 19.88 14.93 -4.42
C ASP A 182 19.86 14.63 -5.92
N ASP A 183 19.75 13.34 -6.30
CA ASP A 183 19.74 12.92 -7.70
C ASP A 183 18.35 12.46 -8.19
N SER A 184 17.28 13.02 -7.61
CA SER A 184 15.91 12.64 -7.97
C SER A 184 15.61 12.90 -9.46
N GLN A 185 14.91 11.95 -10.07
CA GLN A 185 14.46 12.02 -11.48
C GLN A 185 12.95 12.16 -11.56
N ILE A 186 12.34 12.62 -10.47
CA ILE A 186 10.87 12.72 -10.48
C ILE A 186 10.35 13.66 -11.58
N GLU A 187 11.12 14.67 -11.98
CA GLU A 187 10.73 15.58 -13.09
CA GLU A 187 10.65 15.56 -13.05
C GLU A 187 10.47 14.77 -14.35
N LYS A 188 11.45 13.92 -14.68
CA LYS A 188 11.35 13.11 -15.87
C LYS A 188 10.30 12.04 -15.71
N LEU A 189 10.25 11.41 -14.53
CA LEU A 189 9.21 10.43 -14.26
C LEU A 189 7.82 10.98 -14.47
N ALA A 190 7.58 12.19 -13.98
CA ALA A 190 6.26 12.85 -14.17
C ALA A 190 5.93 13.01 -15.67
N LYS A 191 6.94 13.33 -16.47
CA LYS A 191 6.71 13.52 -17.91
C LYS A 191 6.38 12.21 -18.62
N TYR A 192 6.83 11.10 -18.03
CA TYR A 192 6.49 9.81 -18.58
C TYR A 192 5.16 9.31 -18.06
N GLY A 193 4.44 10.14 -17.28
CA GLY A 193 3.11 9.77 -16.77
C GLY A 193 3.03 9.27 -15.33
N VAL A 194 4.18 9.11 -14.68
CA VAL A 194 4.18 8.61 -13.32
C VAL A 194 3.46 9.58 -12.37
N LEU A 195 2.59 9.04 -11.50
CA LEU A 195 1.67 9.86 -10.70
C LEU A 195 2.25 10.39 -9.43
N GLY A 196 3.11 9.60 -8.77
CA GLY A 196 3.55 10.04 -7.44
C GLY A 196 4.68 9.17 -6.92
N VAL A 197 5.25 9.56 -5.78
CA VAL A 197 6.42 8.88 -5.24
C VAL A 197 6.12 8.40 -3.82
N GLU A 198 6.45 7.12 -3.61
CA GLU A 198 6.33 6.47 -2.29
C GLU A 198 7.54 5.53 -2.11
N MET A 199 7.51 4.67 -1.09
CA MET A 199 8.71 3.91 -0.76
C MET A 199 8.51 2.41 -0.54
N GLU A 200 7.40 1.85 -1.04
CA GLU A 200 7.04 0.46 -0.72
C GLU A 200 6.60 -0.37 -1.89
N THR A 201 5.88 0.22 -2.85
CA THR A 201 5.12 -0.58 -3.81
C THR A 201 5.90 -1.62 -4.62
N THR A 202 7.07 -1.25 -5.13
CA THR A 202 7.81 -2.22 -5.95
C THR A 202 8.03 -3.52 -5.18
N ALA A 203 8.39 -3.41 -3.90
CA ALA A 203 8.65 -4.59 -3.08
C ALA A 203 7.39 -5.43 -2.88
N LEU A 204 6.28 -4.75 -2.58
CA LEU A 204 5.06 -5.47 -2.30
C LEU A 204 4.67 -6.21 -3.57
N TYR A 205 4.71 -5.53 -4.72
CA TYR A 205 4.15 -6.16 -5.91
C TYR A 205 5.08 -7.28 -6.38
N THR A 206 6.38 -7.09 -6.25
CA THR A 206 7.30 -8.10 -6.75
C THR A 206 7.23 -9.38 -5.87
N LEU A 207 7.27 -9.19 -4.57
CA LEU A 207 7.27 -10.34 -3.63
C LEU A 207 5.97 -11.12 -3.67
N ALA A 208 4.84 -10.39 -3.67
CA ALA A 208 3.56 -11.09 -3.75
C ALA A 208 3.50 -11.92 -5.00
N ALA A 209 3.86 -11.33 -6.15
CA ALA A 209 3.79 -12.07 -7.41
C ALA A 209 4.72 -13.30 -7.48
N LYS A 210 5.91 -13.19 -6.91
CA LYS A 210 6.91 -14.25 -6.91
C LYS A 210 6.37 -15.48 -6.12
N HIS A 211 5.43 -15.23 -5.21
CA HIS A 211 4.87 -16.31 -4.38
C HIS A 211 3.42 -16.67 -4.71
N GLY A 212 2.91 -16.18 -5.85
CA GLY A 212 1.55 -16.46 -6.26
C GLY A 212 0.46 -15.85 -5.38
N ARG A 213 0.75 -14.74 -4.70
CA ARG A 213 -0.28 -14.02 -3.92
C ARG A 213 -0.74 -12.76 -4.65
N LYS A 214 -1.85 -12.20 -4.18
CA LYS A 214 -2.46 -11.02 -4.77
C LYS A 214 -2.15 -9.74 -3.98
N ALA A 215 -1.70 -8.71 -4.69
CA ALA A 215 -1.34 -7.48 -4.04
C ALA A 215 -1.91 -6.28 -4.81
N LEU A 216 -2.06 -5.20 -4.08
CA LEU A 216 -2.53 -3.92 -4.63
C LEU A 216 -2.08 -2.81 -3.71
N SER A 217 -1.70 -1.66 -4.27
CA SER A 217 -1.39 -0.51 -3.44
C SER A 217 -2.43 0.57 -3.72
N ILE A 218 -2.98 1.12 -2.65
CA ILE A 218 -3.97 2.18 -2.75
C ILE A 218 -3.36 3.38 -2.02
N LEU A 219 -3.36 4.54 -2.66
CA LEU A 219 -2.59 5.63 -2.09
C LEU A 219 -3.36 6.93 -2.10
N THR A 220 -3.22 7.69 -1.02
CA THR A 220 -3.69 9.07 -1.03
C THR A 220 -2.51 9.98 -1.36
N VAL A 221 -2.82 11.26 -1.60
CA VAL A 221 -1.83 12.26 -1.93
C VAL A 221 -1.60 13.15 -0.74
N SER A 222 -0.37 13.19 -0.23
CA SER A 222 -0.08 13.97 0.97
C SER A 222 0.42 15.37 0.64
N ASP A 223 0.96 15.54 -0.58
CA ASP A 223 1.42 16.84 -1.06
C ASP A 223 1.79 16.76 -2.54
N HIS A 224 2.22 17.89 -3.11
CA HIS A 224 2.82 17.93 -4.43
C HIS A 224 4.27 18.28 -4.19
N VAL A 225 5.13 17.30 -4.45
CA VAL A 225 6.55 17.34 -4.17
C VAL A 225 7.23 18.51 -4.87
N LEU A 226 6.82 18.76 -6.11
CA LEU A 226 7.49 19.76 -6.95
C LEU A 226 7.06 21.19 -6.67
N THR A 227 5.82 21.40 -6.27
CA THR A 227 5.33 22.73 -5.86
C THR A 227 5.46 22.97 -4.34
N GLY A 228 5.92 21.96 -3.60
CA GLY A 228 5.94 22.01 -2.13
C GLY A 228 4.59 22.16 -1.42
N GLU A 229 3.51 22.28 -2.20
CA GLU A 229 2.15 22.55 -1.68
C GLU A 229 1.59 21.36 -0.84
N GLU A 230 1.31 21.63 0.43
CA GLU A 230 0.85 20.60 1.37
C GLU A 230 -0.68 20.39 1.32
N THR A 231 -1.14 19.17 1.52
CA THR A 231 -2.58 18.94 1.66
C THR A 231 -2.97 19.26 3.11
N THR A 232 -4.17 19.80 3.30
CA THR A 232 -4.63 20.20 4.64
C THR A 232 -4.92 18.96 5.49
N ALA A 233 -4.89 19.11 6.82
CA ALA A 233 -5.25 18.01 7.71
C ALA A 233 -6.66 17.46 7.43
N GLU A 234 -7.61 18.35 7.12
CA GLU A 234 -8.97 17.92 6.77
C GLU A 234 -8.99 17.07 5.50
N GLU A 235 -8.32 17.56 4.46
CA GLU A 235 -8.19 16.85 3.18
C GLU A 235 -7.63 15.43 3.43
N ARG A 236 -6.64 15.33 4.30
CA ARG A 236 -5.97 14.06 4.58
C ARG A 236 -6.84 13.08 5.34
N GLN A 237 -7.59 13.58 6.32
CA GLN A 237 -8.54 12.77 7.05
C GLN A 237 -9.59 12.19 6.09
N THR A 238 -10.11 13.04 5.21
CA THR A 238 -11.12 12.64 4.21
C THR A 238 -10.59 11.58 3.24
N THR A 239 -9.44 11.84 2.62
CA THR A 239 -8.88 10.87 1.70
C THR A 239 -8.51 9.56 2.36
N PHE A 240 -8.04 9.62 3.61
CA PHE A 240 -7.68 8.44 4.34
C PHE A 240 -8.89 7.53 4.51
N HIS A 241 -10.00 8.11 4.94
CA HIS A 241 -11.24 7.34 5.11
C HIS A 241 -11.68 6.74 3.77
N ASP A 242 -11.61 7.51 2.69
CA ASP A 242 -11.97 6.97 1.35
C ASP A 242 -11.08 5.77 0.98
N MET A 243 -9.79 5.90 1.26
CA MET A 243 -8.83 4.82 0.95
C MET A 243 -9.23 3.55 1.70
N ILE A 244 -9.47 3.69 3.01
CA ILE A 244 -9.83 2.55 3.81
C ILE A 244 -11.16 1.95 3.35
N ASP A 245 -12.16 2.79 3.08
CA ASP A 245 -13.43 2.32 2.55
C ASP A 245 -13.28 1.52 1.26
N VAL A 246 -12.49 2.03 0.31
CA VAL A 246 -12.15 1.29 -0.92
C VAL A 246 -11.45 -0.02 -0.62
N ALA A 247 -10.43 0.03 0.23
CA ALA A 247 -9.70 -1.18 0.62
C ALA A 247 -10.70 -2.23 1.14
N LEU A 248 -11.55 -1.83 2.07
CA LEU A 248 -12.48 -2.78 2.72
C LEU A 248 -13.55 -3.32 1.77
N HIS A 249 -14.13 -2.36 1.02
N HIS A 249 -13.50 -2.85 0.52
CA HIS A 249 -15.39 -2.56 0.25
CA HIS A 249 -14.13 -3.57 -0.60
C HIS A 249 -15.02 -3.50 -0.90
C HIS A 249 -13.27 -4.09 -1.79
N SER A 250 -13.83 -3.25 -1.47
N SER A 250 -12.04 -4.57 -1.58
CA SER A 250 -13.32 -4.05 -2.57
CA SER A 250 -11.24 -5.07 -2.72
C SER A 250 -13.29 -5.49 -2.16
C SER A 250 -11.08 -6.61 -2.93
N VAL A 251 -13.27 -5.68 -0.84
N VAL A 251 -11.35 -7.41 -1.91
CA VAL A 251 -12.96 -6.95 -0.21
CA VAL A 251 -11.29 -8.86 -2.12
C VAL A 251 -14.19 -7.61 0.43
C VAL A 251 -12.60 -9.40 -2.69
N SER A 252 -15.35 -6.97 0.30
N SER A 252 -12.47 -10.21 -3.73
CA SER A 252 -16.58 -7.57 0.79
CA SER A 252 -13.58 -10.97 -4.36
C SER A 252 -17.78 -7.12 -0.01
C SER A 252 -14.00 -10.49 -5.73
N1 HPA B . 9.85 10.42 -1.30
C2 HPA B . 9.34 9.20 -0.92
N3 HPA B . 8.07 9.10 -0.41
C4 HPA B . 7.29 10.17 -0.28
C5 HPA B . 7.76 11.41 -0.66
C6 HPA B . 9.06 11.54 -1.17
O6 HPA B . 9.46 12.60 -1.68
N7 HPA B . 6.77 12.29 -0.41
C8 HPA B . 5.72 11.62 0.09
N9 HPA B . 6.03 10.32 0.17
CL CL C . 13.50 10.27 -5.68
CL CL D . -13.36 -14.80 7.64
CL CL E . 2.57 5.12 3.91
C ACT F . -0.55 -1.71 21.67
O ACT F . -0.44 -2.70 20.94
OXT ACT F . -1.52 -0.97 21.39
CH3 ACT F . 0.40 -1.41 22.79
C ACT G . 6.94 8.98 4.55
O ACT G . 6.98 10.12 5.04
OXT ACT G . 5.82 8.40 4.45
CH3 ACT G . 8.22 8.32 4.11
C1 GOL H . -16.49 1.01 13.63
O1 GOL H . -17.60 0.75 12.80
C2 GOL H . -16.51 -0.02 14.74
O2 GOL H . -16.74 0.61 15.97
C3 GOL H . -15.15 -0.70 14.78
O3 GOL H . -14.40 -0.17 15.85
C1 GOL I . 7.15 6.37 2.74
O1 GOL I . 6.78 5.31 3.58
C2 GOL I . 6.18 6.42 1.58
O2 GOL I . 5.59 5.17 1.49
C3 GOL I . 5.05 7.40 1.85
O3 GOL I . 4.95 8.25 0.73
#